data_6ZU4
#
_entry.id   6ZU4
#
_cell.length_a   91.407
_cell.length_b   91.407
_cell.length_c   144.277
_cell.angle_alpha   90.000
_cell.angle_beta   90.000
_cell.angle_gamma   120.000
#
_symmetry.space_group_name_H-M   'P 63'
#
loop_
_entity.id
_entity.type
_entity.pdbx_description
1 polymer 'NAD-dependent protein deacetylase sirtuin-6'
2 non-polymer '[(2R,3S,4R,5R)-5-(6-AMINOPURIN-9-YL)-3,4-DIHYDROXY-OXOLAN-2-YL]METHYL [HYDROXY-[[(2R,3S,4R,5S)-3,4,5-TRIHYDROXYOXOLAN-2-YL]METHOXY]PHOSPHORYL] HYDROGEN PHOSPHATE'
3 non-polymer 'ZINC ION'
4 non-polymer GLYCEROL
5 non-polymer 'SULFATE ION'
6 non-polymer '(3R,5S,6E)-7-[3-(4-fluorophenyl)-1-(propan-2-yl)-1H-indol-2-yl]-3,5-dihydroxyhept-6-enoic acid'
7 water water
#
_entity_poly.entity_id   1
_entity_poly.type   'polypeptide(L)'
_entity_poly.pdbx_seq_one_letter_code
;GIDPFTADKGKCGLPEIFDPPEELERKVWELARLVWQSSSVVFHTGAGISTASGIPDFRGPHGVWTMEERGLAPKFDTTF
ESARPTQTHMALVQLERVGLLRFLVSQNVDGLHVRSGFPRDKLAELHGNMFVEECAKCKTQYVRDTVVGTMGLKATGRLC
TVAKARGLRACRGELRDTILDWEDSLPDRDLALADEASRNADLSITLGTSLQIRPSGNLPLATKRRGGRLVIVNLQPTKH
DRHADLRIHGYVDEVMTRLMKHLGLEIPAWDGPRVLERALPPLPRPPTPKLEPKEESPTRIN
;
_entity_poly.pdbx_strand_id   A,B
#
# COMPACT_ATOMS: atom_id res chain seq x y z
N PRO A 4 -8.90 20.04 -22.41
CA PRO A 4 -8.09 20.49 -21.26
C PRO A 4 -8.95 20.75 -20.00
N PHE A 5 -9.32 22.02 -19.81
CA PHE A 5 -10.29 22.46 -18.79
C PHE A 5 -11.60 21.71 -19.02
N THR A 6 -12.09 21.72 -20.27
CA THR A 6 -13.45 21.24 -20.67
C THR A 6 -13.45 19.75 -21.06
N ALA A 7 -12.27 19.12 -21.10
CA ALA A 7 -12.07 17.73 -21.60
C ALA A 7 -13.15 16.80 -21.04
N ASP A 8 -13.69 15.90 -21.88
CA ASP A 8 -14.64 14.82 -21.44
C ASP A 8 -13.87 13.88 -20.52
N LYS A 9 -14.21 13.87 -19.24
CA LYS A 9 -13.51 13.03 -18.24
C LYS A 9 -14.35 11.79 -17.94
N GLY A 10 -15.45 11.60 -18.69
CA GLY A 10 -16.26 10.36 -18.71
C GLY A 10 -17.03 10.20 -17.40
N LYS A 11 -17.69 9.07 -17.20
CA LYS A 11 -18.56 8.82 -16.01
C LYS A 11 -17.66 8.63 -14.80
N CYS A 12 -17.84 9.50 -13.79
CA CYS A 12 -17.05 9.52 -12.54
C CYS A 12 -17.96 9.24 -11.34
N GLY A 13 -17.44 8.56 -10.32
CA GLY A 13 -18.13 8.39 -9.02
C GLY A 13 -19.27 7.38 -9.06
N LEU A 14 -19.25 6.42 -9.99
CA LEU A 14 -20.32 5.39 -10.08
C LEU A 14 -20.25 4.49 -8.84
N PRO A 15 -21.40 3.85 -8.47
CA PRO A 15 -21.45 3.02 -7.27
C PRO A 15 -20.52 1.81 -7.41
N GLU A 16 -19.92 1.45 -6.29
CA GLU A 16 -19.10 0.23 -6.23
C GLU A 16 -20.05 -0.96 -6.09
N ILE A 17 -19.58 -2.11 -6.57
CA ILE A 17 -20.27 -3.43 -6.50
C ILE A 17 -19.31 -4.37 -5.79
N PHE A 18 -19.75 -5.05 -4.73
CA PHE A 18 -18.96 -6.11 -4.05
C PHE A 18 -19.65 -7.45 -4.29
N ASP A 19 -19.04 -8.33 -5.08
CA ASP A 19 -19.45 -9.76 -5.17
C ASP A 19 -19.43 -10.32 -3.75
N PRO A 20 -20.42 -11.15 -3.32
CA PRO A 20 -20.36 -11.76 -1.99
C PRO A 20 -19.41 -12.96 -1.98
N PRO A 21 -18.84 -13.33 -0.81
CA PRO A 21 -17.68 -14.23 -0.75
C PRO A 21 -17.77 -15.48 -1.61
N GLU A 22 -18.88 -16.21 -1.50
CA GLU A 22 -19.07 -17.51 -2.19
C GLU A 22 -18.91 -17.24 -3.69
N GLU A 23 -19.56 -16.20 -4.19
CA GLU A 23 -19.63 -15.89 -5.63
C GLU A 23 -18.26 -15.38 -6.11
N LEU A 24 -17.60 -14.55 -5.29
CA LEU A 24 -16.17 -14.14 -5.45
C LEU A 24 -15.25 -15.38 -5.53
N GLU A 25 -15.33 -16.27 -4.53
CA GLU A 25 -14.54 -17.53 -4.47
C GLU A 25 -14.65 -18.34 -5.77
N ARG A 26 -15.82 -18.37 -6.37
CA ARG A 26 -16.16 -19.25 -7.52
C ARG A 26 -15.68 -18.53 -8.79
N LYS A 27 -15.71 -17.20 -8.81
CA LYS A 27 -15.29 -16.42 -10.01
C LYS A 27 -13.77 -16.48 -10.15
N VAL A 28 -13.04 -16.52 -9.04
CA VAL A 28 -11.54 -16.53 -9.04
C VAL A 28 -11.08 -17.93 -9.41
N TRP A 29 -11.87 -18.97 -9.12
CA TRP A 29 -11.66 -20.33 -9.68
C TRP A 29 -11.93 -20.33 -11.18
N GLU A 30 -12.98 -19.65 -11.64
CA GLU A 30 -13.28 -19.58 -13.10
C GLU A 30 -12.08 -18.91 -13.77
N LEU A 31 -11.49 -17.87 -13.13
CA LEU A 31 -10.32 -17.10 -13.69
C LEU A 31 -9.14 -18.05 -13.85
N ALA A 32 -8.80 -18.74 -12.75
CA ALA A 32 -7.81 -19.84 -12.67
C ALA A 32 -7.98 -20.80 -13.86
N ARG A 33 -9.20 -21.30 -14.05
CA ARG A 33 -9.52 -22.24 -15.15
C ARG A 33 -9.21 -21.57 -16.50
N LEU A 34 -9.41 -20.27 -16.65
CA LEU A 34 -9.24 -19.62 -17.98
C LEU A 34 -7.74 -19.44 -18.23
N VAL A 35 -6.98 -19.05 -17.21
CA VAL A 35 -5.51 -18.83 -17.28
C VAL A 35 -4.86 -20.13 -17.75
N TRP A 36 -5.05 -21.21 -16.97
CA TRP A 36 -4.58 -22.58 -17.31
C TRP A 36 -4.90 -22.97 -18.78
N GLN A 37 -6.09 -22.63 -19.24
CA GLN A 37 -6.66 -23.12 -20.53
C GLN A 37 -6.11 -22.32 -21.71
N SER A 38 -5.53 -21.14 -21.44
CA SER A 38 -5.16 -20.11 -22.46
C SER A 38 -3.69 -20.27 -22.82
N SER A 39 -3.36 -20.08 -24.09
CA SER A 39 -1.98 -20.07 -24.63
C SER A 39 -1.31 -18.72 -24.39
N SER A 40 -2.10 -17.65 -24.46
CA SER A 40 -1.57 -16.27 -24.61
C SER A 40 -2.45 -15.28 -23.82
N VAL A 41 -2.03 -14.95 -22.59
CA VAL A 41 -2.75 -14.12 -21.58
C VAL A 41 -2.11 -12.72 -21.57
N VAL A 42 -2.87 -11.67 -21.92
CA VAL A 42 -2.45 -10.26 -21.77
C VAL A 42 -3.18 -9.67 -20.59
N PHE A 43 -2.49 -8.87 -19.78
CA PHE A 43 -3.17 -8.13 -18.68
C PHE A 43 -3.23 -6.67 -19.07
N HIS A 44 -4.38 -6.02 -18.85
CA HIS A 44 -4.52 -4.55 -19.00
C HIS A 44 -4.76 -3.90 -17.65
N THR A 45 -3.88 -3.00 -17.21
CA THR A 45 -4.04 -2.39 -15.88
C THR A 45 -4.34 -0.88 -15.95
N GLY A 46 -5.09 -0.40 -14.98
CA GLY A 46 -5.42 1.02 -14.81
C GLY A 46 -5.17 1.43 -13.37
N ALA A 47 -5.61 2.62 -13.01
CA ALA A 47 -5.27 3.32 -11.74
C ALA A 47 -5.70 2.57 -10.48
N GLY A 48 -6.64 1.63 -10.58
CA GLY A 48 -7.17 0.81 -9.46
C GLY A 48 -6.15 -0.16 -8.90
N ILE A 49 -5.09 -0.51 -9.65
CA ILE A 49 -4.05 -1.43 -9.08
C ILE A 49 -3.12 -0.67 -8.13
N SER A 50 -3.13 0.67 -8.11
CA SER A 50 -2.19 1.46 -7.30
C SER A 50 -2.84 2.14 -6.08
N THR A 51 -4.15 1.99 -5.86
CA THR A 51 -4.83 2.66 -4.74
C THR A 51 -4.39 2.05 -3.42
N ALA A 52 -4.27 0.72 -3.35
CA ALA A 52 -3.77 -0.04 -2.18
C ALA A 52 -2.36 0.38 -1.76
N SER A 53 -1.66 1.20 -2.55
CA SER A 53 -0.30 1.76 -2.22
C SER A 53 -0.35 3.27 -1.98
N GLY A 54 -1.53 3.88 -1.96
CA GLY A 54 -1.71 5.25 -1.44
C GLY A 54 -1.96 6.29 -2.51
N ILE A 55 -2.05 5.86 -3.78
CA ILE A 55 -2.19 6.72 -5.01
C ILE A 55 -3.65 6.70 -5.47
N PRO A 56 -4.34 7.85 -5.51
CA PRO A 56 -5.77 7.85 -5.81
C PRO A 56 -6.00 7.55 -7.28
N ASP A 57 -7.19 7.04 -7.62
CA ASP A 57 -7.54 6.67 -9.02
C ASP A 57 -8.11 7.92 -9.70
N PHE A 58 -8.76 7.77 -10.87
CA PHE A 58 -9.33 8.96 -11.54
C PHE A 58 -10.84 9.02 -11.34
N ARG A 59 -11.54 7.90 -11.50
CA ARG A 59 -13.02 7.96 -11.63
C ARG A 59 -13.70 7.10 -10.56
N GLY A 60 -12.99 6.73 -9.51
CA GLY A 60 -13.59 6.02 -8.36
C GLY A 60 -14.22 7.00 -7.38
N PRO A 61 -14.78 6.54 -6.26
CA PRO A 61 -15.43 7.43 -5.31
C PRO A 61 -14.61 8.66 -4.89
N HIS A 62 -13.32 8.48 -4.62
CA HIS A 62 -12.41 9.52 -4.09
C HIS A 62 -11.32 9.81 -5.13
N GLY A 63 -11.60 9.60 -6.41
CA GLY A 63 -10.62 9.80 -7.49
C GLY A 63 -10.48 11.26 -7.90
N VAL A 64 -9.44 11.54 -8.65
CA VAL A 64 -8.98 12.90 -9.03
C VAL A 64 -10.15 13.64 -9.70
N TRP A 65 -10.70 13.10 -10.80
CA TRP A 65 -11.80 13.71 -11.56
C TRP A 65 -13.06 13.71 -10.69
N THR A 66 -13.35 12.64 -9.96
CA THR A 66 -14.60 12.57 -9.15
C THR A 66 -14.62 13.75 -8.16
N MET A 67 -13.59 13.87 -7.34
CA MET A 67 -13.54 14.89 -6.26
C MET A 67 -13.55 16.30 -6.88
N GLU A 68 -12.99 16.46 -8.07
CA GLU A 68 -12.94 17.76 -8.78
C GLU A 68 -14.39 18.23 -9.08
N GLU A 69 -15.23 17.34 -9.65
CA GLU A 69 -16.67 17.63 -9.92
C GLU A 69 -17.39 18.08 -8.64
N ARG A 70 -16.94 17.62 -7.47
CA ARG A 70 -17.59 17.89 -6.16
C ARG A 70 -16.88 19.07 -5.45
N GLY A 71 -15.85 19.66 -6.04
CA GLY A 71 -15.06 20.74 -5.40
C GLY A 71 -14.23 20.28 -4.22
N LEU A 72 -13.69 19.05 -4.27
CA LEU A 72 -12.78 18.49 -3.23
C LEU A 72 -11.51 18.02 -3.91
N ALA A 73 -10.46 17.78 -3.13
CA ALA A 73 -9.10 17.39 -3.60
C ALA A 73 -8.95 15.88 -3.48
N PRO A 74 -8.27 15.22 -4.44
CA PRO A 74 -7.90 13.84 -4.26
C PRO A 74 -6.83 13.80 -3.16
N LYS A 75 -6.66 12.67 -2.50
CA LYS A 75 -5.64 12.57 -1.42
C LYS A 75 -4.64 11.46 -1.79
N PHE A 76 -3.37 11.77 -1.55
CA PHE A 76 -2.22 10.85 -1.70
C PHE A 76 -1.75 10.46 -0.32
N ASP A 77 -1.63 9.15 -0.09
CA ASP A 77 -1.12 8.57 1.17
C ASP A 77 0.38 8.28 1.04
N THR A 78 0.96 8.57 -0.13
CA THR A 78 2.42 8.45 -0.41
C THR A 78 2.87 9.41 -1.55
N THR A 79 4.18 9.55 -1.74
CA THR A 79 4.74 10.22 -2.93
C THR A 79 4.83 9.16 -4.02
N PHE A 80 5.10 9.60 -5.25
CA PHE A 80 5.33 8.68 -6.37
C PHE A 80 6.64 7.95 -6.11
N GLU A 81 7.59 8.62 -5.44
CA GLU A 81 8.95 8.10 -5.19
C GLU A 81 8.89 7.10 -4.07
N SER A 82 7.99 7.30 -3.09
CA SER A 82 7.90 6.42 -1.89
C SER A 82 6.81 5.35 -2.03
N ALA A 83 6.07 5.37 -3.14
CA ALA A 83 5.03 4.37 -3.42
C ALA A 83 5.69 2.99 -3.49
N ARG A 84 5.12 1.98 -2.85
CA ARG A 84 5.54 0.56 -3.04
C ARG A 84 4.58 -0.10 -4.01
N PRO A 85 5.08 -1.01 -4.88
CA PRO A 85 4.20 -1.83 -5.67
C PRO A 85 3.26 -2.64 -4.78
N THR A 86 2.05 -2.87 -5.27
CA THR A 86 1.01 -3.61 -4.56
C THR A 86 1.30 -5.11 -4.73
N GLN A 87 0.63 -5.93 -3.94
CA GLN A 87 0.54 -7.40 -4.13
C GLN A 87 0.21 -7.66 -5.60
N THR A 88 -0.68 -6.87 -6.22
CA THR A 88 -1.07 -7.10 -7.65
C THR A 88 0.16 -6.92 -8.55
N HIS A 89 0.92 -5.84 -8.34
CA HIS A 89 2.11 -5.46 -9.13
C HIS A 89 3.06 -6.65 -9.16
N MET A 90 3.41 -7.12 -7.98
CA MET A 90 4.37 -8.21 -7.83
C MET A 90 3.78 -9.46 -8.42
N ALA A 91 2.46 -9.65 -8.31
CA ALA A 91 1.84 -10.90 -8.79
C ALA A 91 2.08 -10.98 -10.31
N LEU A 92 1.95 -9.84 -10.99
CA LEU A 92 2.13 -9.75 -12.46
C LEU A 92 3.58 -10.00 -12.83
N VAL A 93 4.50 -9.70 -11.89
CA VAL A 93 5.96 -9.89 -12.11
C VAL A 93 6.25 -11.38 -12.18
N GLN A 94 5.73 -12.14 -11.23
CA GLN A 94 5.83 -13.62 -11.12
C GLN A 94 5.13 -14.30 -12.31
N LEU A 95 3.91 -13.92 -12.62
CA LEU A 95 3.14 -14.51 -13.76
C LEU A 95 3.95 -14.35 -15.05
N GLU A 96 4.72 -13.29 -15.21
CA GLU A 96 5.52 -13.05 -16.45
C GLU A 96 6.75 -13.95 -16.38
N ARG A 97 7.30 -14.18 -15.18
CA ARG A 97 8.56 -14.96 -15.03
C ARG A 97 8.30 -16.45 -15.27
N VAL A 98 7.10 -16.94 -15.01
CA VAL A 98 6.76 -18.37 -15.21
C VAL A 98 6.01 -18.56 -16.52
N GLY A 99 5.86 -17.53 -17.34
CA GLY A 99 5.41 -17.65 -18.75
C GLY A 99 3.89 -17.70 -18.90
N LEU A 100 3.13 -17.48 -17.81
CA LEU A 100 1.65 -17.39 -17.85
C LEU A 100 1.16 -15.97 -18.15
N LEU A 101 2.05 -14.99 -18.34
CA LEU A 101 1.66 -13.65 -18.85
C LEU A 101 2.53 -13.37 -20.06
N ARG A 102 1.93 -13.22 -21.26
CA ARG A 102 2.63 -12.89 -22.51
C ARG A 102 2.99 -11.40 -22.56
N PHE A 103 2.07 -10.52 -22.17
CA PHE A 103 2.20 -9.06 -22.37
C PHE A 103 1.34 -8.30 -21.38
N LEU A 104 1.75 -7.05 -21.09
CA LEU A 104 1.06 -6.23 -20.08
C LEU A 104 0.94 -4.84 -20.68
N VAL A 105 -0.26 -4.29 -20.64
CA VAL A 105 -0.62 -2.98 -21.22
C VAL A 105 -1.13 -2.12 -20.06
N SER A 106 -0.44 -1.05 -19.67
CA SER A 106 -0.85 -0.21 -18.52
C SER A 106 -1.08 1.23 -18.97
N GLN A 107 -2.20 1.80 -18.52
CA GLN A 107 -2.51 3.23 -18.73
C GLN A 107 -1.96 4.09 -17.59
N ASN A 108 -1.27 3.48 -16.63
CA ASN A 108 -0.73 4.20 -15.45
C ASN A 108 0.55 4.93 -15.80
N VAL A 109 0.68 6.15 -15.27
CA VAL A 109 1.94 6.94 -15.34
C VAL A 109 2.74 6.83 -14.03
N ASP A 110 2.27 6.07 -13.05
CA ASP A 110 2.82 6.04 -11.66
C ASP A 110 4.18 5.31 -11.62
N GLY A 111 4.56 4.61 -12.67
CA GLY A 111 5.95 4.11 -12.80
C GLY A 111 6.24 2.85 -11.96
N LEU A 112 5.22 2.29 -11.30
CA LEU A 112 5.38 1.21 -10.29
C LEU A 112 5.60 -0.13 -11.01
N HIS A 113 5.09 -0.28 -12.22
CA HIS A 113 5.37 -1.47 -13.05
C HIS A 113 6.88 -1.55 -13.25
N VAL A 114 7.44 -0.52 -13.84
CA VAL A 114 8.90 -0.52 -14.14
C VAL A 114 9.64 -0.73 -12.82
N ARG A 115 9.31 0.05 -11.79
CA ARG A 115 10.00 -0.03 -10.47
C ARG A 115 9.84 -1.40 -9.83
N SER A 116 8.80 -2.16 -10.15
CA SER A 116 8.56 -3.51 -9.55
C SER A 116 9.50 -4.53 -10.17
N GLY A 117 10.20 -4.15 -11.24
CA GLY A 117 11.14 -5.00 -11.96
C GLY A 117 10.45 -5.73 -13.10
N PHE A 118 9.22 -5.39 -13.44
CA PHE A 118 8.59 -6.03 -14.62
C PHE A 118 9.42 -5.64 -15.84
N PRO A 119 9.70 -6.56 -16.78
CA PRO A 119 10.50 -6.24 -17.98
C PRO A 119 9.83 -5.27 -18.99
N ARG A 120 10.56 -4.21 -19.32
CA ARG A 120 10.12 -3.16 -20.27
C ARG A 120 9.75 -3.79 -21.63
N ASP A 121 10.53 -4.71 -22.19
CA ASP A 121 10.20 -5.25 -23.55
C ASP A 121 8.90 -6.08 -23.53
N LYS A 122 8.21 -6.24 -22.38
CA LYS A 122 6.88 -6.91 -22.31
C LYS A 122 5.79 -6.00 -21.74
N LEU A 123 6.05 -4.70 -21.70
CA LEU A 123 5.15 -3.69 -21.10
C LEU A 123 4.90 -2.61 -22.13
N ALA A 124 3.63 -2.17 -22.31
CA ALA A 124 3.28 -0.96 -23.08
C ALA A 124 2.72 0.07 -22.11
N GLU A 125 3.43 1.17 -21.91
CA GLU A 125 2.99 2.28 -21.02
C GLU A 125 2.29 3.33 -21.85
N LEU A 126 1.00 3.14 -22.10
CA LEU A 126 0.26 3.85 -23.19
C LEU A 126 0.19 5.36 -22.91
N HIS A 127 0.08 5.76 -21.64
CA HIS A 127 -0.12 7.18 -21.27
C HIS A 127 1.18 7.78 -20.74
N GLY A 128 2.28 7.01 -20.80
CA GLY A 128 3.62 7.49 -20.36
C GLY A 128 3.98 7.06 -18.95
N ASN A 129 5.09 7.61 -18.45
CA ASN A 129 5.71 7.23 -17.16
C ASN A 129 6.37 8.46 -16.55
N MET A 130 6.00 8.78 -15.32
CA MET A 130 6.47 10.02 -14.66
C MET A 130 7.95 9.94 -14.33
N PHE A 131 8.56 8.75 -14.33
CA PHE A 131 9.99 8.63 -14.01
C PHE A 131 10.80 8.59 -15.31
N VAL A 132 10.16 8.60 -16.48
CA VAL A 132 10.90 8.42 -17.77
C VAL A 132 10.87 9.74 -18.57
N GLU A 133 12.03 10.23 -18.99
CA GLU A 133 12.22 11.26 -20.04
C GLU A 133 12.91 10.64 -21.28
N GLU A 134 12.74 11.29 -22.42
CA GLU A 134 13.05 10.73 -23.76
C GLU A 134 13.79 11.79 -24.58
N CYS A 135 14.90 11.42 -25.23
CA CYS A 135 15.65 12.36 -26.11
C CYS A 135 14.79 12.64 -27.35
N ALA A 136 14.43 13.91 -27.55
CA ALA A 136 13.74 14.44 -28.75
C ALA A 136 14.47 14.03 -30.04
N LYS A 137 15.81 13.97 -30.02
CA LYS A 137 16.64 13.56 -31.20
C LYS A 137 16.66 12.03 -31.36
N CYS A 138 17.36 11.30 -30.48
CA CYS A 138 17.65 9.86 -30.73
C CYS A 138 16.63 8.92 -30.08
N LYS A 139 15.64 9.44 -29.32
CA LYS A 139 14.57 8.63 -28.67
C LYS A 139 15.09 7.74 -27.53
N THR A 140 16.32 7.94 -27.03
CA THR A 140 16.83 7.15 -25.90
C THR A 140 16.01 7.55 -24.67
N GLN A 141 15.46 6.57 -23.95
CA GLN A 141 14.67 6.82 -22.72
C GLN A 141 15.61 6.70 -21.52
N TYR A 142 15.35 7.49 -20.48
CA TYR A 142 16.09 7.43 -19.21
C TYR A 142 15.07 7.15 -18.11
N VAL A 143 15.27 6.09 -17.37
CA VAL A 143 14.42 5.74 -16.22
C VAL A 143 15.11 6.28 -14.97
N ARG A 144 14.59 7.38 -14.41
CA ARG A 144 15.24 8.09 -13.30
C ARG A 144 14.62 7.60 -11.97
N ASP A 145 15.26 7.93 -10.85
CA ASP A 145 14.90 7.46 -9.50
C ASP A 145 13.96 8.45 -8.84
N THR A 146 13.67 9.57 -9.51
CA THR A 146 12.72 10.61 -9.02
C THR A 146 11.82 11.02 -10.19
N VAL A 147 10.66 11.63 -9.92
CA VAL A 147 9.67 11.94 -11.01
C VAL A 147 10.30 13.00 -11.90
N VAL A 148 10.15 12.85 -13.21
CA VAL A 148 10.50 13.93 -14.17
C VAL A 148 9.51 15.09 -13.93
N GLY A 149 10.06 16.29 -13.78
CA GLY A 149 9.38 17.44 -13.15
C GLY A 149 8.30 18.05 -14.02
N THR A 150 8.16 17.63 -15.28
CA THR A 150 7.19 18.22 -16.26
C THR A 150 6.17 17.18 -16.74
N MET A 151 5.10 17.65 -17.39
CA MET A 151 4.03 16.80 -17.98
C MET A 151 3.66 17.35 -19.36
N GLY A 152 3.04 16.57 -20.25
CA GLY A 152 2.62 17.07 -21.58
C GLY A 152 3.76 17.20 -22.59
N LEU A 153 4.86 16.44 -22.42
CA LEU A 153 5.94 16.22 -23.41
C LEU A 153 6.81 17.48 -23.58
N LYS A 154 7.14 18.18 -22.49
CA LYS A 154 7.97 19.43 -22.51
C LYS A 154 9.41 19.12 -22.07
N ALA A 155 10.36 19.94 -22.53
CA ALA A 155 11.76 20.05 -22.05
C ALA A 155 11.83 19.99 -20.52
N THR A 156 12.73 19.15 -20.00
CA THR A 156 12.87 18.89 -18.54
C THR A 156 13.98 19.77 -17.98
N GLY A 157 14.92 20.17 -18.83
CA GLY A 157 16.13 20.93 -18.46
C GLY A 157 17.41 20.14 -18.67
N ARG A 158 17.29 18.83 -18.90
CA ARG A 158 18.47 17.93 -19.01
C ARG A 158 18.74 17.59 -20.48
N LEU A 159 19.94 17.09 -20.78
CA LEU A 159 20.39 16.79 -22.18
C LEU A 159 20.82 15.33 -22.30
N CYS A 160 20.61 14.76 -23.49
CA CYS A 160 21.01 13.37 -23.83
C CYS A 160 22.52 13.21 -23.63
N THR A 161 22.95 12.04 -23.13
CA THR A 161 24.38 11.80 -22.81
C THR A 161 24.90 10.60 -23.62
N VAL A 162 24.17 10.13 -24.63
CA VAL A 162 24.57 8.96 -25.48
C VAL A 162 25.87 9.29 -26.23
N ALA A 163 26.71 8.26 -26.43
CA ALA A 163 27.99 8.25 -27.21
C ALA A 163 28.18 9.57 -27.98
N CYS A 171 25.48 13.42 -27.99
CA CYS A 171 24.17 13.61 -28.68
C CYS A 171 23.57 14.96 -28.30
N ARG A 172 23.47 15.25 -27.00
CA ARG A 172 23.17 16.57 -26.39
C ARG A 172 21.74 17.03 -26.71
N GLY A 173 20.92 16.13 -27.25
CA GLY A 173 19.51 16.41 -27.58
C GLY A 173 18.67 16.74 -26.35
N GLU A 174 17.56 17.44 -26.59
CA GLU A 174 16.64 17.96 -25.54
C GLU A 174 15.85 16.79 -24.97
N LEU A 175 16.00 16.53 -23.66
CA LEU A 175 15.19 15.54 -22.92
C LEU A 175 13.80 16.12 -22.65
N ARG A 176 12.75 15.30 -22.81
CA ARG A 176 11.34 15.67 -22.61
C ARG A 176 10.63 14.56 -21.84
N ASP A 177 9.65 14.93 -21.02
CA ASP A 177 8.77 13.99 -20.29
C ASP A 177 7.94 13.21 -21.32
N THR A 178 7.31 12.13 -20.84
CA THR A 178 6.56 11.11 -21.63
C THR A 178 5.07 11.14 -21.26
N ILE A 179 4.63 12.13 -20.49
CA ILE A 179 3.24 12.23 -19.99
C ILE A 179 2.40 12.92 -21.06
N LEU A 180 1.65 12.12 -21.83
CA LEU A 180 0.64 12.59 -22.79
C LEU A 180 -0.24 13.68 -22.12
N ASP A 181 -0.51 14.77 -22.83
CA ASP A 181 -1.65 15.68 -22.55
C ASP A 181 -2.89 15.08 -23.22
N TRP A 182 -4.07 15.71 -23.04
CA TRP A 182 -5.35 15.26 -23.65
C TRP A 182 -5.24 15.14 -25.18
N GLU A 183 -4.56 16.09 -25.84
CA GLU A 183 -4.55 16.18 -27.33
C GLU A 183 -3.61 15.11 -27.89
N ASP A 184 -2.60 14.71 -27.09
CA ASP A 184 -1.41 13.91 -27.52
C ASP A 184 -1.82 12.47 -27.86
N SER A 185 -1.50 12.04 -29.08
CA SER A 185 -1.71 10.66 -29.59
C SER A 185 -0.75 9.77 -28.81
N LEU A 186 -1.16 8.50 -28.65
CA LEU A 186 -0.38 7.48 -27.90
C LEU A 186 0.96 7.27 -28.61
N PRO A 187 2.01 6.79 -27.90
CA PRO A 187 3.24 6.38 -28.56
C PRO A 187 2.98 5.16 -29.46
N ASP A 188 3.64 5.15 -30.63
CA ASP A 188 3.35 4.26 -31.79
C ASP A 188 3.84 2.86 -31.48
N ARG A 189 5.03 2.78 -30.92
CA ARG A 189 5.65 1.50 -30.51
C ARG A 189 4.76 0.80 -29.49
N ASP A 190 4.40 1.51 -28.42
CA ASP A 190 3.64 0.92 -27.26
C ASP A 190 2.24 0.55 -27.75
N LEU A 191 1.66 1.37 -28.62
CA LEU A 191 0.26 1.17 -29.09
C LEU A 191 0.22 0.05 -30.10
N ALA A 192 1.26 -0.11 -30.89
CA ALA A 192 1.31 -1.21 -31.87
C ALA A 192 1.54 -2.51 -31.09
N LEU A 193 2.51 -2.51 -30.16
CA LEU A 193 2.84 -3.73 -29.36
C LEU A 193 1.63 -4.08 -28.48
N ALA A 194 0.98 -3.10 -27.87
CA ALA A 194 -0.25 -3.37 -27.08
C ALA A 194 -1.33 -3.91 -28.02
N ASP A 195 -1.52 -3.28 -29.19
CA ASP A 195 -2.55 -3.71 -30.17
C ASP A 195 -2.25 -5.14 -30.65
N GLU A 196 -1.05 -5.41 -31.15
CA GLU A 196 -0.68 -6.76 -31.64
C GLU A 196 -0.92 -7.80 -30.53
N ALA A 197 -0.40 -7.57 -29.33
CA ALA A 197 -0.54 -8.53 -28.20
C ALA A 197 -2.02 -8.80 -27.94
N SER A 198 -2.86 -7.77 -28.06
CA SER A 198 -4.30 -7.83 -27.73
C SER A 198 -5.05 -8.70 -28.76
N ARG A 199 -4.81 -8.48 -30.06
CA ARG A 199 -5.48 -9.22 -31.16
C ARG A 199 -5.18 -10.71 -30.99
N ASN A 200 -3.90 -11.03 -30.80
CA ASN A 200 -3.33 -12.41 -30.82
C ASN A 200 -3.63 -13.18 -29.53
N ALA A 201 -4.02 -12.51 -28.44
CA ALA A 201 -4.28 -13.18 -27.14
C ALA A 201 -5.58 -13.97 -27.27
N ASP A 202 -5.70 -15.03 -26.46
CA ASP A 202 -6.93 -15.82 -26.29
C ASP A 202 -7.47 -15.63 -24.85
N LEU A 203 -6.85 -14.77 -24.04
CA LEU A 203 -7.40 -14.25 -22.76
C LEU A 203 -6.78 -12.88 -22.49
N SER A 204 -7.62 -11.86 -22.39
CA SER A 204 -7.32 -10.52 -21.83
C SER A 204 -8.00 -10.45 -20.48
N ILE A 205 -7.26 -9.98 -19.46
CA ILE A 205 -7.77 -9.71 -18.07
C ILE A 205 -7.55 -8.22 -17.79
N THR A 206 -8.56 -7.50 -17.31
CA THR A 206 -8.38 -6.07 -16.97
C THR A 206 -8.45 -5.96 -15.45
N LEU A 207 -7.50 -5.20 -14.88
CA LEU A 207 -7.40 -4.96 -13.43
C LEU A 207 -7.45 -3.48 -13.18
N GLY A 208 -8.42 -3.01 -12.40
CA GLY A 208 -8.44 -1.61 -11.97
C GLY A 208 -8.48 -0.60 -13.11
N THR A 209 -9.12 -0.90 -14.24
CA THR A 209 -9.48 0.16 -15.21
C THR A 209 -10.99 0.15 -15.48
N SER A 210 -11.57 1.34 -15.74
CA SER A 210 -13.01 1.57 -16.02
C SER A 210 -13.21 1.65 -17.54
N LEU A 211 -12.12 1.54 -18.30
CA LEU A 211 -12.09 1.27 -19.77
C LEU A 211 -12.79 2.34 -20.59
N GLN A 212 -12.86 3.55 -20.09
CA GLN A 212 -13.57 4.69 -20.73
C GLN A 212 -12.71 5.44 -21.76
N ILE A 213 -11.41 5.19 -21.82
CA ILE A 213 -10.46 5.99 -22.64
C ILE A 213 -10.19 5.27 -23.94
N ARG A 214 -10.14 6.02 -25.03
CA ARG A 214 -9.89 5.53 -26.40
C ARG A 214 -8.45 5.83 -26.77
N PRO A 215 -7.68 4.87 -27.34
CA PRO A 215 -8.16 3.50 -27.56
C PRO A 215 -7.73 2.52 -26.47
N SER A 216 -7.08 3.01 -25.42
CA SER A 216 -6.49 2.20 -24.32
C SER A 216 -7.55 1.22 -23.79
N GLY A 217 -8.77 1.70 -23.65
CA GLY A 217 -9.89 0.90 -23.14
C GLY A 217 -10.44 -0.08 -24.15
N ASN A 218 -10.09 0.06 -25.44
CA ASN A 218 -10.74 -0.75 -26.51
C ASN A 218 -9.89 -1.97 -26.80
N LEU A 219 -8.61 -1.95 -26.38
CA LEU A 219 -7.63 -3.03 -26.70
C LEU A 219 -8.13 -4.39 -26.18
N PRO A 220 -8.66 -4.48 -24.95
CA PRO A 220 -9.29 -5.72 -24.51
C PRO A 220 -10.42 -6.24 -25.41
N LEU A 221 -11.10 -5.39 -26.20
CA LEU A 221 -12.19 -5.86 -27.10
C LEU A 221 -11.55 -6.61 -28.26
N ALA A 222 -10.30 -6.28 -28.59
CA ALA A 222 -9.57 -6.89 -29.72
C ALA A 222 -9.27 -8.37 -29.42
N THR A 223 -9.26 -8.72 -28.14
CA THR A 223 -9.08 -10.12 -27.70
C THR A 223 -10.36 -10.91 -28.05
N LYS A 224 -11.50 -10.24 -28.15
CA LYS A 224 -12.81 -10.89 -28.43
C LYS A 224 -12.83 -11.43 -29.87
N ARG A 225 -12.47 -10.61 -30.85
CA ARG A 225 -12.34 -11.04 -32.27
C ARG A 225 -11.52 -12.34 -32.33
N ARG A 226 -12.03 -13.35 -33.05
CA ARG A 226 -11.50 -14.74 -33.20
C ARG A 226 -11.69 -15.56 -31.92
N GLY A 227 -12.63 -15.18 -31.05
CA GLY A 227 -13.18 -16.06 -29.99
C GLY A 227 -12.38 -16.02 -28.70
N GLY A 228 -11.42 -15.11 -28.58
CA GLY A 228 -10.68 -14.93 -27.31
C GLY A 228 -11.65 -14.61 -26.19
N ARG A 229 -11.27 -14.88 -24.95
CA ARG A 229 -12.11 -14.58 -23.76
C ARG A 229 -11.64 -13.25 -23.12
N LEU A 230 -12.53 -12.59 -22.39
CA LEU A 230 -12.25 -11.32 -21.69
C LEU A 230 -12.77 -11.42 -20.26
N VAL A 231 -11.92 -11.08 -19.27
CA VAL A 231 -12.29 -11.02 -17.84
C VAL A 231 -12.10 -9.59 -17.38
N ILE A 232 -13.09 -9.02 -16.71
CA ILE A 232 -12.95 -7.66 -16.14
C ILE A 232 -12.91 -7.72 -14.63
N VAL A 233 -11.80 -7.32 -14.00
CA VAL A 233 -11.77 -7.24 -12.51
C VAL A 233 -11.85 -5.75 -12.15
N ASN A 234 -12.91 -5.34 -11.46
CA ASN A 234 -13.14 -3.90 -11.17
C ASN A 234 -14.21 -3.74 -10.10
N LEU A 235 -14.06 -2.75 -9.22
CA LEU A 235 -15.05 -2.47 -8.15
C LEU A 235 -16.27 -1.76 -8.75
N GLN A 236 -16.04 -0.89 -9.72
CA GLN A 236 -17.15 -0.17 -10.37
C GLN A 236 -17.47 -0.81 -11.71
N PRO A 237 -18.63 -0.49 -12.29
CA PRO A 237 -18.95 -0.88 -13.67
C PRO A 237 -17.92 -0.32 -14.65
N THR A 238 -17.63 -1.03 -15.73
CA THR A 238 -16.67 -0.53 -16.76
C THR A 238 -17.40 -0.33 -18.06
N LYS A 239 -16.74 0.33 -19.02
CA LYS A 239 -17.40 0.69 -20.31
C LYS A 239 -17.90 -0.59 -20.98
N HIS A 240 -17.14 -1.68 -20.90
CA HIS A 240 -17.32 -2.86 -21.78
C HIS A 240 -17.78 -4.06 -20.99
N ASP A 241 -18.41 -3.85 -19.84
CA ASP A 241 -18.91 -4.92 -18.94
C ASP A 241 -19.70 -5.97 -19.72
N ARG A 242 -20.42 -5.57 -20.76
CA ARG A 242 -21.37 -6.50 -21.45
C ARG A 242 -20.58 -7.44 -22.37
N HIS A 243 -19.31 -7.14 -22.67
CA HIS A 243 -18.50 -7.95 -23.61
C HIS A 243 -17.66 -8.98 -22.84
N ALA A 244 -17.62 -8.85 -21.52
CA ALA A 244 -16.85 -9.70 -20.61
C ALA A 244 -17.53 -11.06 -20.48
N ASP A 245 -16.73 -12.13 -20.53
CA ASP A 245 -17.15 -13.52 -20.26
C ASP A 245 -17.16 -13.70 -18.74
N LEU A 246 -16.38 -12.92 -17.99
CA LEU A 246 -16.37 -12.96 -16.50
C LEU A 246 -16.15 -11.54 -15.97
N ARG A 247 -17.00 -11.05 -15.07
CA ARG A 247 -16.74 -9.80 -14.33
C ARG A 247 -16.58 -10.13 -12.86
N ILE A 248 -15.45 -9.77 -12.26
CA ILE A 248 -15.21 -9.91 -10.80
C ILE A 248 -15.21 -8.51 -10.19
N HIS A 249 -16.04 -8.34 -9.15
CA HIS A 249 -16.22 -7.10 -8.34
C HIS A 249 -15.59 -7.35 -6.97
N GLY A 250 -14.32 -7.00 -6.85
CA GLY A 250 -13.58 -7.13 -5.59
C GLY A 250 -12.31 -6.36 -5.66
N TYR A 251 -11.65 -6.19 -4.52
CA TYR A 251 -10.29 -5.61 -4.46
C TYR A 251 -9.39 -6.48 -5.34
N VAL A 252 -8.67 -5.89 -6.29
CA VAL A 252 -7.74 -6.64 -7.19
C VAL A 252 -6.69 -7.44 -6.39
N ASP A 253 -6.17 -6.88 -5.31
CA ASP A 253 -5.17 -7.56 -4.44
C ASP A 253 -5.77 -8.85 -3.91
N GLU A 254 -7.04 -8.81 -3.52
CA GLU A 254 -7.69 -10.01 -2.96
C GLU A 254 -7.87 -11.02 -4.09
N VAL A 255 -8.29 -10.57 -5.27
CA VAL A 255 -8.52 -11.44 -6.46
C VAL A 255 -7.18 -12.02 -6.93
N MET A 256 -6.11 -11.23 -6.88
CA MET A 256 -4.82 -11.69 -7.45
C MET A 256 -4.12 -12.63 -6.45
N THR A 257 -4.25 -12.42 -5.13
CA THR A 257 -3.60 -13.34 -4.14
C THR A 257 -4.32 -14.68 -4.18
N ARG A 258 -5.67 -14.68 -4.24
CA ARG A 258 -6.46 -15.94 -4.34
C ARG A 258 -6.12 -16.63 -5.66
N LEU A 259 -6.02 -15.89 -6.75
CA LEU A 259 -5.65 -16.46 -8.07
C LEU A 259 -4.28 -17.12 -7.96
N MET A 260 -3.29 -16.44 -7.40
CA MET A 260 -1.91 -16.95 -7.33
C MET A 260 -1.94 -18.27 -6.53
N LYS A 261 -2.66 -18.26 -5.40
CA LYS A 261 -2.74 -19.45 -4.53
C LYS A 261 -3.24 -20.62 -5.37
N HIS A 262 -4.21 -20.38 -6.27
CA HIS A 262 -4.81 -21.47 -7.11
C HIS A 262 -3.76 -21.98 -8.09
N LEU A 263 -2.98 -21.05 -8.63
CA LEU A 263 -1.86 -21.32 -9.57
C LEU A 263 -0.66 -21.96 -8.87
N GLY A 264 -0.68 -22.07 -7.53
CA GLY A 264 0.44 -22.57 -6.70
C GLY A 264 1.70 -21.71 -6.76
N LEU A 265 1.54 -20.40 -6.90
CA LEU A 265 2.64 -19.42 -7.12
C LEU A 265 2.74 -18.53 -5.88
N GLU A 266 3.96 -18.34 -5.39
CA GLU A 266 4.28 -17.33 -4.36
C GLU A 266 4.45 -16.00 -5.09
N ILE A 267 4.05 -14.93 -4.40
CA ILE A 267 4.12 -13.51 -4.83
C ILE A 267 5.44 -13.03 -4.26
N PRO A 268 6.40 -12.63 -5.12
CA PRO A 268 7.76 -12.39 -4.64
C PRO A 268 7.94 -11.08 -3.88
N ALA A 269 8.99 -11.09 -3.05
CA ALA A 269 9.59 -9.93 -2.39
C ALA A 269 9.93 -8.89 -3.45
N TRP A 270 9.73 -7.61 -3.09
CA TRP A 270 10.12 -6.39 -3.85
C TRP A 270 11.47 -5.87 -3.37
N ASP A 271 12.49 -6.07 -4.20
CA ASP A 271 13.92 -5.79 -3.91
C ASP A 271 14.12 -4.30 -3.56
N GLY A 272 13.13 -3.44 -3.82
CA GLY A 272 13.23 -1.98 -3.91
C GLY A 272 13.22 -1.57 -5.39
N PRO A 273 13.29 -0.26 -5.71
CA PRO A 273 13.21 0.20 -7.11
C PRO A 273 14.27 -0.48 -7.99
N ARG A 274 13.86 -1.27 -8.99
CA ARG A 274 14.80 -1.93 -9.94
C ARG A 274 14.27 -1.77 -11.36
N VAL A 275 15.14 -1.67 -12.39
CA VAL A 275 14.71 -1.53 -13.82
C VAL A 275 15.25 -2.72 -14.59
N LEU A 276 14.36 -3.50 -15.22
CA LEU A 276 14.73 -4.63 -16.09
C LEU A 276 14.35 -4.33 -17.54
N GLU A 277 15.31 -4.00 -18.39
CA GLU A 277 15.01 -3.71 -19.83
C GLU A 277 14.35 -4.88 -20.52
N ARG A 278 14.86 -6.09 -20.32
CA ARG A 278 14.55 -7.28 -21.19
C ARG A 278 14.17 -8.49 -20.34
N ALA A 279 13.03 -9.13 -20.63
CA ALA A 279 12.54 -10.32 -19.89
C ALA A 279 13.63 -11.37 -19.87
N LEU A 280 13.70 -12.10 -18.75
CA LEU A 280 14.69 -13.14 -18.48
C LEU A 280 14.16 -14.42 -19.08
N PRO A 281 14.94 -15.52 -19.10
CA PRO A 281 14.39 -16.81 -19.52
C PRO A 281 13.28 -17.20 -18.55
N PRO A 282 12.19 -17.86 -19.01
CA PRO A 282 11.11 -18.32 -18.13
C PRO A 282 11.50 -19.36 -17.05
N LEU A 283 10.96 -19.21 -15.83
CA LEU A 283 11.29 -20.12 -14.71
C LEU A 283 10.36 -21.32 -14.74
N PRO A 284 10.59 -22.34 -13.89
CA PRO A 284 9.65 -23.47 -13.81
C PRO A 284 8.28 -23.03 -13.27
N ARG A 285 7.19 -23.66 -13.74
CA ARG A 285 5.85 -23.42 -13.16
C ARG A 285 5.15 -24.72 -12.83
N PRO A 286 4.26 -24.72 -11.80
CA PRO A 286 3.48 -25.92 -11.47
C PRO A 286 2.89 -26.63 -12.68
N PRO A 287 2.65 -27.95 -12.59
CA PRO A 287 1.92 -28.62 -13.66
C PRO A 287 0.44 -28.22 -13.56
N THR A 288 -0.25 -28.29 -14.70
CA THR A 288 -1.64 -27.81 -14.91
C THR A 288 -2.65 -28.80 -14.33
N PRO A 289 -3.73 -28.35 -13.66
CA PRO A 289 -4.84 -29.26 -13.29
C PRO A 289 -5.51 -29.89 -14.51
N LYS A 290 -6.15 -31.03 -14.29
CA LYS A 290 -7.03 -31.64 -15.31
C LYS A 290 -8.34 -30.90 -15.22
N LEU A 291 -8.76 -30.25 -16.29
CA LEU A 291 -9.99 -29.43 -16.34
C LEU A 291 -11.01 -30.22 -17.14
N GLU A 292 -11.80 -31.06 -16.46
CA GLU A 292 -12.52 -32.24 -17.03
C GLU A 292 -11.57 -33.46 -17.03
N LYS B 9 -15.11 13.55 19.16
CA LYS B 9 -14.22 12.97 18.09
C LYS B 9 -13.00 13.87 17.84
N GLY B 10 -12.86 14.98 18.57
CA GLY B 10 -11.69 15.87 18.55
C GLY B 10 -11.60 16.67 17.25
N LYS B 11 -10.56 17.50 17.12
CA LYS B 11 -10.28 18.32 15.91
C LYS B 11 -9.95 17.42 14.72
N CYS B 12 -10.70 17.56 13.63
CA CYS B 12 -10.61 16.74 12.39
C CYS B 12 -10.34 17.63 11.17
N GLY B 13 -9.63 17.10 10.18
CA GLY B 13 -9.46 17.70 8.85
C GLY B 13 -8.55 18.92 8.88
N LEU B 14 -7.66 19.00 9.87
CA LEU B 14 -6.66 20.09 9.96
C LEU B 14 -5.80 20.05 8.71
N PRO B 15 -5.28 21.20 8.26
CA PRO B 15 -4.39 21.25 7.10
C PRO B 15 -3.12 20.41 7.31
N GLU B 16 -2.63 19.87 6.21
CA GLU B 16 -1.35 19.14 6.21
C GLU B 16 -0.21 20.15 6.12
N ILE B 17 0.89 19.78 6.73
CA ILE B 17 2.20 20.45 6.59
C ILE B 17 3.11 19.49 5.80
N PHE B 18 3.81 19.99 4.79
CA PHE B 18 4.96 19.28 4.16
C PHE B 18 6.25 20.03 4.45
N ASP B 19 7.17 19.39 5.17
CA ASP B 19 8.57 19.89 5.30
C ASP B 19 9.19 19.89 3.91
N PRO B 20 9.93 20.94 3.51
CA PRO B 20 10.69 20.92 2.25
C PRO B 20 11.89 19.97 2.30
N PRO B 21 12.26 19.38 1.14
CA PRO B 21 13.19 18.26 1.09
C PRO B 21 14.47 18.43 1.92
N GLU B 22 15.11 19.60 1.78
CA GLU B 22 16.38 19.94 2.48
C GLU B 22 16.13 19.89 3.99
N GLU B 23 14.99 20.41 4.46
CA GLU B 23 14.65 20.46 5.90
C GLU B 23 14.32 19.03 6.35
N LEU B 24 13.45 18.35 5.58
CA LEU B 24 13.07 16.93 5.81
C LEU B 24 14.33 16.04 5.89
N GLU B 25 15.24 16.17 4.91
CA GLU B 25 16.54 15.44 4.89
C GLU B 25 17.30 15.64 6.20
N ARG B 26 17.32 16.89 6.69
CA ARG B 26 18.12 17.32 7.85
C ARG B 26 17.49 16.73 9.12
N LYS B 27 16.16 16.78 9.23
CA LYS B 27 15.41 16.31 10.45
C LYS B 27 15.58 14.80 10.63
N VAL B 28 15.60 14.03 9.54
CA VAL B 28 15.63 12.54 9.59
C VAL B 28 17.04 12.12 9.96
N TRP B 29 18.05 12.94 9.66
CA TRP B 29 19.42 12.83 10.22
C TRP B 29 19.39 13.11 11.72
N GLU B 30 18.64 14.13 12.16
CA GLU B 30 18.54 14.43 13.61
C GLU B 30 17.80 13.28 14.32
N LEU B 31 16.83 12.65 13.64
CA LEU B 31 16.15 11.44 14.17
C LEU B 31 17.19 10.33 14.37
N ALA B 32 17.98 10.04 13.35
CA ALA B 32 19.05 9.01 13.30
C ALA B 32 20.02 9.17 14.47
N ARG B 33 20.47 10.40 14.71
CA ARG B 33 21.36 10.75 15.85
C ARG B 33 20.64 10.35 17.16
N LEU B 34 19.37 10.66 17.34
CA LEU B 34 18.68 10.43 18.63
C LEU B 34 18.53 8.93 18.87
N VAL B 35 18.18 8.16 17.82
CA VAL B 35 18.10 6.66 17.88
C VAL B 35 19.44 6.11 18.38
N TRP B 36 20.55 6.44 17.68
CA TRP B 36 21.95 6.00 18.03
C TRP B 36 22.31 6.39 19.48
N GLN B 37 21.96 7.61 19.91
CA GLN B 37 22.32 8.18 21.23
C GLN B 37 21.48 7.60 22.38
N SER B 38 20.36 6.93 22.06
CA SER B 38 19.30 6.54 23.01
C SER B 38 19.48 5.08 23.43
N SER B 39 19.40 4.79 24.74
CA SER B 39 19.48 3.44 25.34
C SER B 39 18.16 2.66 25.12
N SER B 40 17.03 3.37 25.10
CA SER B 40 15.68 2.77 25.21
C SER B 40 14.64 3.58 24.41
N VAL B 41 14.45 3.21 23.13
CA VAL B 41 13.52 3.83 22.15
C VAL B 41 12.18 3.09 22.17
N VAL B 42 11.09 3.79 22.43
CA VAL B 42 9.71 3.25 22.27
C VAL B 42 9.11 3.98 21.07
N PHE B 43 8.34 3.28 20.25
CA PHE B 43 7.56 3.88 19.13
C PHE B 43 6.08 3.77 19.49
N HIS B 44 5.34 4.82 19.18
CA HIS B 44 3.89 4.94 19.39
C HIS B 44 3.26 5.18 18.03
N THR B 45 2.42 4.27 17.57
CA THR B 45 1.85 4.30 16.20
C THR B 45 0.33 4.50 16.22
N GLY B 46 -0.18 5.17 15.20
CA GLY B 46 -1.61 5.40 14.99
C GLY B 46 -1.97 5.18 13.55
N ALA B 47 -3.20 5.53 13.20
CA ALA B 47 -3.92 5.21 11.94
C ALA B 47 -3.09 5.61 10.71
N GLY B 48 -2.18 6.55 10.91
CA GLY B 48 -1.38 7.15 9.82
C GLY B 48 -0.37 6.17 9.23
N ILE B 49 0.01 5.10 9.96
CA ILE B 49 1.00 4.13 9.41
C ILE B 49 0.32 3.08 8.53
N SER B 50 -1.01 3.05 8.44
CA SER B 50 -1.82 2.14 7.56
C SER B 50 -2.46 2.81 6.33
N THR B 51 -2.40 4.13 6.16
CA THR B 51 -3.06 4.77 4.99
C THR B 51 -2.45 4.20 3.70
N ALA B 52 -1.13 4.13 3.62
CA ALA B 52 -0.33 3.67 2.45
C ALA B 52 -0.58 2.18 2.15
N SER B 53 -1.39 1.50 2.96
CA SER B 53 -1.87 0.13 2.64
C SER B 53 -3.37 0.14 2.33
N GLY B 54 -3.99 1.32 2.28
CA GLY B 54 -5.36 1.52 1.73
C GLY B 54 -6.44 1.58 2.79
N ILE B 55 -6.04 1.76 4.06
CA ILE B 55 -6.95 1.84 5.24
C ILE B 55 -6.99 3.29 5.69
N PRO B 56 -8.17 3.94 5.72
CA PRO B 56 -8.24 5.36 6.02
C PRO B 56 -8.00 5.59 7.52
N ASP B 57 -7.54 6.81 7.85
CA ASP B 57 -7.33 7.23 9.26
C ASP B 57 -8.64 7.84 9.79
N PHE B 58 -8.58 8.62 10.87
CA PHE B 58 -9.81 9.08 11.56
C PHE B 58 -9.99 10.59 11.33
N ARG B 59 -8.92 11.37 11.50
CA ARG B 59 -8.97 12.85 11.58
C ARG B 59 -8.06 13.47 10.51
N GLY B 60 -7.61 12.68 9.53
CA GLY B 60 -6.94 13.22 8.34
C GLY B 60 -7.94 13.77 7.32
N PRO B 61 -7.46 14.38 6.21
CA PRO B 61 -8.36 15.01 5.24
C PRO B 61 -9.53 14.14 4.78
N HIS B 62 -9.34 12.84 4.62
CA HIS B 62 -10.34 11.87 4.06
C HIS B 62 -10.69 10.80 5.11
N GLY B 63 -10.40 11.05 6.38
CA GLY B 63 -10.52 10.06 7.47
C GLY B 63 -11.96 9.81 7.87
N VAL B 64 -12.19 8.82 8.73
CA VAL B 64 -13.56 8.32 9.08
C VAL B 64 -14.39 9.49 9.63
N TRP B 65 -13.90 10.11 10.71
CA TRP B 65 -14.60 11.19 11.47
C TRP B 65 -14.73 12.42 10.56
N THR B 66 -13.65 12.84 9.90
CA THR B 66 -13.65 14.00 8.95
C THR B 66 -14.81 13.83 7.98
N MET B 67 -14.78 12.78 7.16
CA MET B 67 -15.79 12.53 6.09
C MET B 67 -17.21 12.45 6.69
N GLU B 68 -17.33 11.93 7.91
CA GLU B 68 -18.63 11.88 8.65
C GLU B 68 -19.17 13.31 8.83
N GLU B 69 -18.36 14.20 9.42
CA GLU B 69 -18.71 15.63 9.65
C GLU B 69 -19.17 16.32 8.36
N ARG B 70 -18.65 15.88 7.21
CA ARG B 70 -18.94 16.48 5.89
C ARG B 70 -19.99 15.64 5.14
N GLY B 71 -20.60 14.65 5.79
CA GLY B 71 -21.64 13.80 5.19
C GLY B 71 -21.13 13.06 3.96
N LEU B 72 -19.95 12.45 4.09
CA LEU B 72 -19.29 11.63 3.05
C LEU B 72 -18.79 10.36 3.72
N ALA B 73 -18.41 9.34 2.94
CA ALA B 73 -17.97 8.03 3.47
C ALA B 73 -16.44 7.98 3.42
N PRO B 74 -15.81 7.28 4.40
CA PRO B 74 -14.40 6.95 4.30
C PRO B 74 -14.21 5.83 3.28
N LYS B 75 -13.09 5.81 2.57
CA LYS B 75 -12.88 4.85 1.46
C LYS B 75 -11.79 3.87 1.88
N PHE B 76 -12.06 2.59 1.64
CA PHE B 76 -11.12 1.45 1.83
C PHE B 76 -10.65 1.00 0.45
N ASP B 77 -9.34 1.00 0.24
CA ASP B 77 -8.65 0.50 -0.98
C ASP B 77 -8.17 -0.93 -0.73
N THR B 78 -8.57 -1.52 0.40
CA THR B 78 -8.34 -2.96 0.72
C THR B 78 -9.35 -3.44 1.77
N THR B 79 -9.44 -4.76 1.95
CA THR B 79 -10.05 -5.39 3.15
C THR B 79 -8.99 -5.43 4.24
N PHE B 80 -9.42 -5.68 5.48
CA PHE B 80 -8.50 -5.84 6.62
C PHE B 80 -7.69 -7.12 6.42
N GLU B 81 -8.32 -8.13 5.82
CA GLU B 81 -7.72 -9.45 5.53
C GLU B 81 -6.65 -9.32 4.45
N SER B 82 -6.87 -8.51 3.39
CA SER B 82 -5.94 -8.40 2.22
C SER B 82 -4.93 -7.26 2.41
N ALA B 83 -5.08 -6.42 3.43
CA ALA B 83 -4.12 -5.34 3.72
C ALA B 83 -2.73 -5.95 3.89
N ARG B 84 -1.73 -5.37 3.24
CA ARG B 84 -0.31 -5.70 3.47
C ARG B 84 0.27 -4.68 4.45
N PRO B 85 1.16 -5.07 5.36
CA PRO B 85 1.94 -4.10 6.12
C PRO B 85 2.80 -3.20 5.23
N THR B 86 2.86 -1.94 5.63
CA THR B 86 3.52 -0.83 4.91
C THR B 86 5.02 -1.02 5.15
N GLN B 87 5.83 -0.29 4.40
CA GLN B 87 7.30 -0.19 4.63
C GLN B 87 7.54 0.22 6.10
N THR B 88 6.70 1.05 6.71
CA THR B 88 6.90 1.53 8.12
C THR B 88 6.78 0.34 9.08
N HIS B 89 5.72 -0.44 8.91
CA HIS B 89 5.41 -1.65 9.70
C HIS B 89 6.63 -2.58 9.76
N MET B 90 7.15 -2.90 8.59
CA MET B 90 8.30 -3.80 8.41
C MET B 90 9.56 -3.14 8.95
N ALA B 91 9.72 -1.82 8.82
CA ALA B 91 10.88 -1.15 9.47
C ALA B 91 10.84 -1.35 11.01
N LEU B 92 9.69 -1.21 11.64
CA LEU B 92 9.55 -1.45 13.10
C LEU B 92 9.91 -2.90 13.44
N VAL B 93 9.58 -3.86 12.57
CA VAL B 93 9.94 -5.30 12.79
C VAL B 93 11.48 -5.43 12.86
N GLN B 94 12.20 -4.87 11.88
CA GLN B 94 13.69 -4.94 11.82
C GLN B 94 14.34 -4.18 12.98
N LEU B 95 13.89 -2.95 13.29
CA LEU B 95 14.42 -2.17 14.45
C LEU B 95 14.32 -3.02 15.71
N GLU B 96 13.23 -3.77 15.89
CA GLU B 96 13.05 -4.58 17.11
C GLU B 96 14.03 -5.75 17.09
N ARG B 97 14.32 -6.29 15.91
CA ARG B 97 15.13 -7.52 15.78
C ARG B 97 16.60 -7.20 16.04
N VAL B 98 17.03 -5.98 15.74
CA VAL B 98 18.43 -5.49 15.97
C VAL B 98 18.51 -4.71 17.29
N GLY B 99 17.51 -4.77 18.17
CA GLY B 99 17.64 -4.22 19.54
C GLY B 99 17.59 -2.70 19.64
N LEU B 100 17.23 -1.97 18.58
CA LEU B 100 17.12 -0.49 18.57
C LEU B 100 15.69 -0.02 18.87
N LEU B 101 14.76 -0.94 19.12
CA LEU B 101 13.36 -0.63 19.55
C LEU B 101 13.04 -1.51 20.74
N ARG B 102 12.82 -0.90 21.91
CA ARG B 102 12.53 -1.62 23.17
C ARG B 102 11.10 -2.11 23.11
N PHE B 103 10.18 -1.22 22.73
CA PHE B 103 8.72 -1.45 22.88
C PHE B 103 7.93 -0.69 21.82
N LEU B 104 6.73 -1.17 21.53
CA LEU B 104 5.88 -0.52 20.51
C LEU B 104 4.48 -0.44 21.09
N VAL B 105 3.91 0.77 21.13
CA VAL B 105 2.53 1.05 21.59
C VAL B 105 1.70 1.44 20.36
N SER B 106 0.63 0.73 20.05
CA SER B 106 -0.24 1.06 18.90
C SER B 106 -1.69 1.24 19.35
N GLN B 107 -2.33 2.32 18.90
CA GLN B 107 -3.80 2.52 19.01
C GLN B 107 -4.55 1.86 17.86
N ASN B 108 -3.85 1.16 16.97
CA ASN B 108 -4.50 0.61 15.75
C ASN B 108 -5.21 -0.70 16.06
N VAL B 109 -6.39 -0.90 15.48
CA VAL B 109 -7.12 -2.18 15.61
C VAL B 109 -6.97 -3.00 14.31
N ASP B 110 -6.14 -2.53 13.37
CA ASP B 110 -6.09 -3.04 11.96
C ASP B 110 -5.38 -4.39 11.93
N GLY B 111 -4.69 -4.76 13.01
CA GLY B 111 -4.11 -6.12 13.14
C GLY B 111 -2.78 -6.30 12.41
N LEU B 112 -2.25 -5.27 11.74
CA LEU B 112 -1.11 -5.35 10.79
C LEU B 112 0.23 -5.52 11.53
N HIS B 113 0.38 -4.96 12.73
CA HIS B 113 1.58 -5.17 13.56
C HIS B 113 1.74 -6.66 13.81
N VAL B 114 0.71 -7.32 14.31
CA VAL B 114 0.80 -8.78 14.60
C VAL B 114 1.04 -9.52 13.30
N ARG B 115 0.27 -9.22 12.25
CA ARG B 115 0.41 -9.93 10.96
C ARG B 115 1.78 -9.68 10.34
N SER B 116 2.44 -8.58 10.67
CA SER B 116 3.80 -8.28 10.12
C SER B 116 4.86 -9.15 10.81
N GLY B 117 4.48 -9.87 11.86
CA GLY B 117 5.36 -10.79 12.57
C GLY B 117 6.09 -10.06 13.69
N PHE B 118 5.63 -8.87 14.03
CA PHE B 118 6.18 -8.13 15.19
C PHE B 118 5.78 -8.92 16.44
N PRO B 119 6.70 -9.14 17.40
CA PRO B 119 6.40 -9.95 18.58
C PRO B 119 5.41 -9.33 19.57
N ARG B 120 4.40 -10.10 19.94
CA ARG B 120 3.31 -9.72 20.88
C ARG B 120 3.88 -9.26 22.22
N ASP B 121 4.82 -9.98 22.82
CA ASP B 121 5.33 -9.60 24.17
C ASP B 121 6.07 -8.25 24.13
N LYS B 122 6.27 -7.61 22.96
CA LYS B 122 6.85 -6.23 22.92
C LYS B 122 5.89 -5.20 22.30
N LEU B 123 4.61 -5.53 22.21
CA LEU B 123 3.57 -4.66 21.60
C LEU B 123 2.40 -4.45 22.59
N ALA B 124 1.91 -3.22 22.69
CA ALA B 124 0.64 -2.93 23.40
C ALA B 124 -0.38 -2.44 22.38
N GLU B 125 -1.40 -3.25 22.12
CA GLU B 125 -2.54 -2.87 21.28
C GLU B 125 -3.61 -2.25 22.17
N LEU B 126 -3.50 -0.94 22.40
CA LEU B 126 -4.27 -0.25 23.47
C LEU B 126 -5.76 -0.25 23.15
N HIS B 127 -6.17 -0.20 21.87
CA HIS B 127 -7.60 -0.06 21.49
C HIS B 127 -8.13 -1.37 20.95
N GLY B 128 -7.33 -2.43 20.98
CA GLY B 128 -7.75 -3.78 20.54
C GLY B 128 -7.18 -4.13 19.17
N ASN B 129 -7.57 -5.29 18.67
CA ASN B 129 -7.11 -5.93 17.40
C ASN B 129 -8.31 -6.72 16.86
N MET B 130 -8.76 -6.36 15.66
CA MET B 130 -9.97 -6.93 15.01
C MET B 130 -9.79 -8.42 14.74
N PHE B 131 -8.57 -8.95 14.75
CA PHE B 131 -8.33 -10.38 14.44
C PHE B 131 -8.19 -11.18 15.73
N VAL B 132 -8.29 -10.53 16.89
CA VAL B 132 -8.13 -11.20 18.20
C VAL B 132 -9.45 -11.24 18.97
N GLU B 133 -9.88 -12.45 19.39
CA GLU B 133 -10.93 -12.68 20.42
C GLU B 133 -10.30 -13.30 21.67
N GLU B 134 -10.92 -13.03 22.82
CA GLU B 134 -10.36 -13.30 24.18
C GLU B 134 -11.41 -14.09 24.96
N CYS B 135 -11.03 -15.20 25.61
CA CYS B 135 -11.94 -16.00 26.47
C CYS B 135 -12.33 -15.14 27.69
N ALA B 136 -13.64 -14.98 27.91
CA ALA B 136 -14.23 -14.24 29.06
C ALA B 136 -13.83 -14.92 30.38
N LYS B 137 -13.61 -16.24 30.39
CA LYS B 137 -13.19 -16.97 31.61
C LYS B 137 -11.67 -16.90 31.78
N CYS B 138 -10.89 -17.60 30.95
CA CYS B 138 -9.43 -17.79 31.22
C CYS B 138 -8.55 -16.70 30.57
N LYS B 139 -9.12 -15.77 29.79
CA LYS B 139 -8.41 -14.65 29.11
C LYS B 139 -7.41 -15.17 28.07
N THR B 140 -7.56 -16.41 27.58
CA THR B 140 -6.75 -16.90 26.44
C THR B 140 -7.17 -16.11 25.21
N GLN B 141 -6.18 -15.56 24.49
CA GLN B 141 -6.40 -14.83 23.22
C GLN B 141 -6.25 -15.84 22.06
N TYR B 142 -7.04 -15.63 21.02
CA TYR B 142 -6.94 -16.35 19.72
C TYR B 142 -6.71 -15.31 18.62
N VAL B 143 -5.57 -15.40 17.96
CA VAL B 143 -5.27 -14.55 16.79
C VAL B 143 -5.74 -15.31 15.54
N ARG B 144 -6.88 -14.91 14.98
CA ARG B 144 -7.53 -15.61 13.83
C ARG B 144 -7.01 -15.01 12.50
N ASP B 145 -7.42 -15.59 11.37
CA ASP B 145 -6.88 -15.26 10.03
C ASP B 145 -7.89 -14.40 9.27
N THR B 146 -9.06 -14.17 9.88
CA THR B 146 -10.14 -13.31 9.35
C THR B 146 -10.66 -12.46 10.52
N VAL B 147 -11.11 -11.23 10.30
CA VAL B 147 -11.58 -10.30 11.37
C VAL B 147 -12.68 -10.99 12.18
N VAL B 148 -12.55 -10.94 13.51
CA VAL B 148 -13.65 -11.25 14.47
C VAL B 148 -14.80 -10.27 14.18
N GLY B 149 -15.99 -10.79 13.92
CA GLY B 149 -17.10 -10.06 13.27
C GLY B 149 -17.80 -9.04 14.14
N THR B 150 -17.47 -8.94 15.43
CA THR B 150 -18.10 -8.01 16.40
C THR B 150 -17.09 -6.92 16.81
N MET B 151 -17.59 -5.86 17.45
CA MET B 151 -16.81 -4.76 18.05
C MET B 151 -17.49 -4.37 19.37
N GLY B 152 -16.78 -3.78 20.32
CA GLY B 152 -17.38 -3.37 21.60
C GLY B 152 -17.40 -4.47 22.66
N LEU B 153 -16.56 -5.50 22.51
CA LEU B 153 -16.29 -6.61 23.48
C LEU B 153 -17.50 -7.54 23.63
N LYS B 154 -18.17 -7.89 22.52
CA LYS B 154 -19.39 -8.75 22.54
C LYS B 154 -19.03 -10.19 22.17
N ALA B 155 -19.84 -11.15 22.61
CA ALA B 155 -19.76 -12.58 22.24
C ALA B 155 -19.74 -12.72 20.72
N THR B 156 -18.84 -13.57 20.21
CA THR B 156 -18.54 -13.74 18.77
C THR B 156 -19.37 -14.92 18.23
N GLY B 157 -19.67 -15.88 19.12
CA GLY B 157 -20.38 -17.14 18.81
C GLY B 157 -19.55 -18.36 19.07
N ARG B 158 -18.22 -18.19 19.20
CA ARG B 158 -17.24 -19.31 19.35
C ARG B 158 -16.83 -19.49 20.82
N LEU B 159 -16.34 -20.68 21.17
CA LEU B 159 -16.02 -21.09 22.57
C LEU B 159 -14.51 -21.39 22.74
N CYS B 160 -14.03 -21.25 23.98
CA CYS B 160 -12.62 -21.54 24.36
C CYS B 160 -12.35 -23.03 24.19
N THR B 161 -11.18 -23.40 23.67
CA THR B 161 -10.83 -24.82 23.36
C THR B 161 -9.62 -25.25 24.20
N VAL B 162 -9.25 -24.46 25.23
CA VAL B 162 -8.08 -24.72 26.13
C VAL B 162 -8.35 -26.02 26.90
N ALA B 163 -7.26 -26.77 27.18
CA ALA B 163 -7.20 -28.05 27.92
C ALA B 163 -8.53 -28.33 28.64
N CYS B 171 -12.63 -25.92 28.59
CA CYS B 171 -12.84 -24.58 29.20
C CYS B 171 -14.22 -24.04 28.80
N ARG B 172 -14.45 -23.97 27.48
CA ARG B 172 -15.77 -23.78 26.81
C ARG B 172 -16.36 -22.39 27.08
N GLY B 173 -15.55 -21.47 27.60
CA GLY B 173 -15.98 -20.10 27.93
C GLY B 173 -16.34 -19.27 26.71
N GLU B 174 -16.95 -18.10 26.95
CA GLU B 174 -17.49 -17.22 25.89
C GLU B 174 -16.35 -16.36 25.30
N LEU B 175 -16.01 -16.58 24.01
CA LEU B 175 -15.05 -15.71 23.30
C LEU B 175 -15.75 -14.40 22.95
N ARG B 176 -15.06 -13.28 23.21
CA ARG B 176 -15.57 -11.91 22.91
C ARG B 176 -14.51 -11.16 22.14
N ASP B 177 -14.91 -10.11 21.41
CA ASP B 177 -13.96 -9.33 20.58
C ASP B 177 -13.15 -8.47 21.54
N THR B 178 -12.02 -7.93 21.09
CA THR B 178 -11.14 -7.03 21.89
C THR B 178 -11.27 -5.57 21.45
N ILE B 179 -12.23 -5.23 20.60
CA ILE B 179 -12.35 -3.82 20.13
C ILE B 179 -13.12 -3.04 21.19
N LEU B 180 -12.42 -2.16 21.93
CA LEU B 180 -13.06 -1.22 22.89
C LEU B 180 -14.08 -0.34 22.16
N ASP B 181 -15.22 -0.09 22.80
CA ASP B 181 -16.16 1.01 22.45
C ASP B 181 -15.69 2.27 23.19
N TRP B 182 -16.27 3.43 22.89
CA TRP B 182 -15.95 4.73 23.55
C TRP B 182 -15.86 4.60 25.08
N GLU B 183 -16.81 3.95 25.75
CA GLU B 183 -16.87 4.02 27.24
C GLU B 183 -15.80 3.11 27.85
N ASP B 184 -15.33 2.10 27.11
CA ASP B 184 -14.49 0.98 27.62
C ASP B 184 -13.09 1.48 28.03
N SER B 185 -12.64 1.03 29.20
CA SER B 185 -11.28 1.26 29.74
C SER B 185 -10.29 0.40 28.96
N LEU B 186 -9.09 0.94 28.75
CA LEU B 186 -8.00 0.24 28.04
C LEU B 186 -7.68 -1.04 28.81
N PRO B 187 -7.14 -2.07 28.13
CA PRO B 187 -6.68 -3.27 28.82
C PRO B 187 -5.52 -2.92 29.74
N ASP B 188 -5.59 -3.38 31.00
CA ASP B 188 -4.68 -2.99 32.11
C ASP B 188 -3.27 -3.50 31.85
N ARG B 189 -3.15 -4.73 31.36
CA ARG B 189 -1.83 -5.32 31.04
C ARG B 189 -1.15 -4.44 30.00
N ASP B 190 -1.87 -4.18 28.91
CA ASP B 190 -1.34 -3.45 27.73
C ASP B 190 -1.07 -2.00 28.12
N LEU B 191 -1.94 -1.40 28.93
CA LEU B 191 -1.77 0.01 29.37
C LEU B 191 -0.61 0.08 30.37
N ALA B 192 -0.48 -0.87 31.29
CA ALA B 192 0.60 -0.86 32.30
C ALA B 192 1.93 -0.98 31.56
N LEU B 193 2.06 -2.00 30.71
CA LEU B 193 3.31 -2.28 29.95
C LEU B 193 3.60 -1.04 29.09
N ALA B 194 2.59 -0.45 28.46
CA ALA B 194 2.76 0.74 27.60
C ALA B 194 3.28 1.89 28.45
N ASP B 195 2.65 2.07 29.62
CA ASP B 195 2.97 3.16 30.57
C ASP B 195 4.39 2.97 31.12
N GLU B 196 4.70 1.75 31.59
CA GLU B 196 6.04 1.42 32.13
C GLU B 196 7.10 1.71 31.06
N ALA B 197 6.89 1.25 29.82
CA ALA B 197 7.91 1.40 28.74
C ALA B 197 8.09 2.89 28.42
N SER B 198 7.02 3.66 28.51
CA SER B 198 7.02 5.11 28.16
C SER B 198 7.80 5.91 29.20
N ARG B 199 7.57 5.65 30.50
CA ARG B 199 8.25 6.34 31.62
C ARG B 199 9.76 6.10 31.47
N ASN B 200 10.16 4.84 31.23
CA ASN B 200 11.57 4.37 31.31
C ASN B 200 12.37 4.71 30.05
N ALA B 201 11.72 4.99 28.93
CA ALA B 201 12.36 5.32 27.62
C ALA B 201 13.06 6.67 27.72
N ASP B 202 14.15 6.85 26.97
CA ASP B 202 14.86 8.15 26.80
C ASP B 202 14.61 8.67 25.38
N LEU B 203 13.76 7.97 24.62
CA LEU B 203 13.26 8.44 23.29
C LEU B 203 11.92 7.79 23.00
N SER B 204 10.85 8.58 22.95
CA SER B 204 9.56 8.24 22.30
C SER B 204 9.53 8.86 20.91
N ILE B 205 9.22 8.07 19.88
CA ILE B 205 8.90 8.57 18.50
C ILE B 205 7.44 8.21 18.27
N THR B 206 6.63 9.18 17.82
CA THR B 206 5.23 8.94 17.40
C THR B 206 5.18 8.99 15.87
N LEU B 207 4.52 8.00 15.26
CA LEU B 207 4.40 7.84 13.79
C LEU B 207 2.92 7.74 13.45
N GLY B 208 2.40 8.72 12.69
CA GLY B 208 1.00 8.71 12.21
C GLY B 208 -0.05 8.73 13.32
N THR B 209 0.16 9.46 14.42
CA THR B 209 -0.92 9.67 15.42
C THR B 209 -1.08 11.15 15.73
N SER B 210 -2.32 11.62 15.90
CA SER B 210 -2.66 13.03 16.18
C SER B 210 -2.66 13.28 17.70
N LEU B 211 -2.62 12.21 18.49
CA LEU B 211 -2.35 12.19 19.96
C LEU B 211 -3.44 12.91 20.75
N GLN B 212 -4.68 12.87 20.26
CA GLN B 212 -5.86 13.55 20.84
C GLN B 212 -6.64 12.62 21.79
N ILE B 213 -6.36 11.32 21.80
CA ILE B 213 -7.09 10.34 22.65
C ILE B 213 -6.33 10.16 23.96
N ARG B 214 -7.08 10.08 25.05
CA ARG B 214 -6.60 9.84 26.44
C ARG B 214 -6.80 8.38 26.78
N PRO B 215 -5.83 7.69 27.44
CA PRO B 215 -4.49 8.19 27.72
C PRO B 215 -3.44 7.90 26.64
N SER B 216 -3.85 7.14 25.63
CA SER B 216 -2.99 6.60 24.55
C SER B 216 -2.12 7.72 23.99
N GLY B 217 -2.67 8.93 23.86
CA GLY B 217 -1.96 10.10 23.31
C GLY B 217 -1.03 10.74 24.32
N ASN B 218 -1.24 10.49 25.62
CA ASN B 218 -0.45 11.16 26.70
C ASN B 218 0.82 10.35 27.02
N LEU B 219 0.87 9.07 26.67
CA LEU B 219 1.99 8.14 27.00
C LEU B 219 3.32 8.69 26.51
N PRO B 220 3.44 9.21 25.26
CA PRO B 220 4.65 9.91 24.83
C PRO B 220 5.14 11.04 25.75
N LEU B 221 4.25 11.69 26.49
CA LEU B 221 4.63 12.82 27.38
C LEU B 221 5.39 12.27 28.59
N ALA B 222 5.11 11.04 29.01
CA ALA B 222 5.78 10.41 30.18
C ALA B 222 7.27 10.21 29.88
N THR B 223 7.65 10.15 28.60
CA THR B 223 9.07 10.02 28.16
C THR B 223 9.78 11.32 28.52
N LYS B 224 9.06 12.45 28.53
CA LYS B 224 9.64 13.80 28.83
C LYS B 224 10.14 13.86 30.27
N ARG B 225 9.31 13.46 31.24
CA ARG B 225 9.72 13.31 32.67
C ARG B 225 11.10 12.62 32.75
N ARG B 226 12.03 13.20 33.52
CA ARG B 226 13.45 12.75 33.68
C ARG B 226 14.23 12.91 32.36
N GLY B 227 13.77 13.80 31.47
CA GLY B 227 14.61 14.46 30.45
C GLY B 227 14.75 13.64 29.18
N GLY B 228 13.93 12.61 29.01
CA GLY B 228 13.85 11.88 27.74
C GLY B 228 13.47 12.81 26.62
N ARG B 229 13.78 12.44 25.38
CA ARG B 229 13.42 13.19 24.14
C ARG B 229 12.11 12.61 23.55
N LEU B 230 11.37 13.46 22.82
CA LEU B 230 10.13 13.13 22.07
C LEU B 230 10.29 13.58 20.61
N VAL B 231 10.05 12.68 19.67
CA VAL B 231 9.94 12.99 18.22
C VAL B 231 8.49 12.71 17.85
N ILE B 232 7.92 13.57 17.04
CA ILE B 232 6.58 13.40 16.44
C ILE B 232 6.76 13.40 14.93
N VAL B 233 6.29 12.36 14.26
CA VAL B 233 6.28 12.28 12.77
C VAL B 233 4.81 12.25 12.36
N ASN B 234 4.35 13.27 11.64
CA ASN B 234 2.91 13.41 11.33
C ASN B 234 2.78 14.47 10.26
N LEU B 235 1.73 14.37 9.44
CA LEU B 235 1.42 15.33 8.35
C LEU B 235 0.61 16.50 8.90
N GLN B 236 -0.26 16.24 9.88
CA GLN B 236 -1.12 17.27 10.49
C GLN B 236 -0.49 17.68 11.81
N PRO B 237 -0.93 18.83 12.37
CA PRO B 237 -0.61 19.16 13.77
C PRO B 237 -1.12 18.02 14.66
N THR B 238 -0.44 17.80 15.78
CA THR B 238 -0.83 16.85 16.86
C THR B 238 -1.11 17.65 18.13
N LYS B 239 -1.75 17.04 19.12
CA LYS B 239 -2.08 17.73 20.39
C LYS B 239 -0.80 18.28 21.03
N HIS B 240 0.28 17.50 21.03
CA HIS B 240 1.46 17.80 21.88
C HIS B 240 2.63 18.33 21.06
N ASP B 241 2.41 18.90 19.87
CA ASP B 241 3.53 19.38 19.02
C ASP B 241 4.51 20.21 19.87
N ARG B 242 3.98 20.98 20.82
CA ARG B 242 4.74 21.99 21.62
C ARG B 242 5.76 21.32 22.56
N HIS B 243 5.62 20.03 22.88
CA HIS B 243 6.49 19.31 23.85
C HIS B 243 7.57 18.51 23.11
N ALA B 244 7.44 18.40 21.78
CA ALA B 244 8.37 17.62 20.92
C ALA B 244 9.71 18.35 20.78
N ASP B 245 10.81 17.62 20.87
CA ASP B 245 12.18 18.15 20.61
C ASP B 245 12.43 18.14 19.10
N LEU B 246 11.70 17.29 18.35
CA LEU B 246 11.74 17.21 16.86
C LEU B 246 10.34 16.91 16.30
N ARG B 247 9.89 17.70 15.32
CA ARG B 247 8.60 17.42 14.62
C ARG B 247 8.93 17.25 13.14
N ILE B 248 8.46 16.16 12.54
CA ILE B 248 8.76 15.85 11.11
C ILE B 248 7.45 15.73 10.39
N HIS B 249 7.27 16.56 9.36
CA HIS B 249 6.05 16.70 8.53
C HIS B 249 6.38 16.08 7.17
N GLY B 250 6.14 14.78 7.06
CA GLY B 250 6.34 13.99 5.84
C GLY B 250 5.55 12.70 5.94
N TYR B 251 5.42 11.98 4.83
CA TYR B 251 4.88 10.61 4.83
C TYR B 251 5.81 9.74 5.68
N VAL B 252 5.26 9.07 6.70
CA VAL B 252 6.02 8.18 7.63
C VAL B 252 6.87 7.17 6.83
N ASP B 253 6.38 6.72 5.69
CA ASP B 253 7.10 5.68 4.91
C ASP B 253 8.39 6.30 4.41
N GLU B 254 8.29 7.51 3.90
CA GLU B 254 9.48 8.21 3.41
C GLU B 254 10.46 8.38 4.58
N VAL B 255 9.97 8.74 5.78
CA VAL B 255 10.82 9.12 6.96
C VAL B 255 11.51 7.84 7.43
N MET B 256 10.78 6.75 7.46
CA MET B 256 11.30 5.45 7.98
C MET B 256 12.25 4.80 6.97
N THR B 257 12.04 4.90 5.66
CA THR B 257 12.99 4.30 4.68
C THR B 257 14.30 5.09 4.70
N ARG B 258 14.21 6.43 4.71
CA ARG B 258 15.40 7.32 4.83
C ARG B 258 16.11 7.06 6.16
N LEU B 259 15.34 6.91 7.23
CA LEU B 259 15.91 6.66 8.58
C LEU B 259 16.69 5.35 8.57
N MET B 260 16.07 4.27 8.09
CA MET B 260 16.70 2.92 8.05
C MET B 260 18.02 3.02 7.27
N LYS B 261 17.96 3.62 6.08
CA LYS B 261 19.14 3.83 5.21
C LYS B 261 20.28 4.43 6.02
N HIS B 262 19.98 5.36 6.93
CA HIS B 262 21.03 6.01 7.77
C HIS B 262 21.51 4.97 8.78
N LEU B 263 20.59 4.19 9.32
CA LEU B 263 20.94 3.16 10.34
C LEU B 263 21.72 2.01 9.70
N GLY B 264 21.76 1.92 8.36
CA GLY B 264 22.44 0.84 7.60
C GLY B 264 21.62 -0.46 7.63
N LEU B 265 20.29 -0.36 7.71
CA LEU B 265 19.37 -1.52 7.90
C LEU B 265 18.50 -1.72 6.67
N GLU B 266 18.45 -2.95 6.17
CA GLU B 266 17.46 -3.37 5.17
C GLU B 266 16.09 -3.39 5.85
N ILE B 267 15.04 -3.09 5.09
CA ILE B 267 13.62 -3.35 5.47
C ILE B 267 13.28 -4.72 4.92
N PRO B 268 12.94 -5.69 5.81
CA PRO B 268 12.75 -7.07 5.41
C PRO B 268 11.43 -7.36 4.70
N ALA B 269 11.47 -8.42 3.90
CA ALA B 269 10.34 -8.97 3.14
C ALA B 269 9.28 -9.44 4.12
N TRP B 270 8.02 -9.28 3.73
CA TRP B 270 6.85 -9.78 4.47
C TRP B 270 6.46 -11.17 3.96
N ASP B 271 6.71 -12.18 4.80
CA ASP B 271 6.45 -13.62 4.53
C ASP B 271 4.97 -13.88 4.23
N GLY B 272 4.06 -12.94 4.56
CA GLY B 272 2.60 -13.11 4.60
C GLY B 272 2.11 -13.15 6.05
N PRO B 273 0.79 -13.30 6.33
CA PRO B 273 0.30 -13.24 7.70
C PRO B 273 1.07 -14.21 8.59
N ARG B 274 1.70 -13.73 9.68
CA ARG B 274 2.48 -14.59 10.62
C ARG B 274 2.30 -14.04 12.05
N VAL B 275 2.18 -14.91 13.05
CA VAL B 275 1.97 -14.52 14.48
C VAL B 275 3.19 -14.98 15.27
N LEU B 276 3.90 -14.04 15.90
CA LEU B 276 5.09 -14.36 16.72
C LEU B 276 4.77 -13.96 18.14
N GLU B 277 4.61 -14.92 19.04
CA GLU B 277 4.22 -14.61 20.45
C GLU B 277 5.36 -13.89 21.14
N ARG B 278 6.60 -14.39 21.04
CA ARG B 278 7.72 -13.95 21.91
C ARG B 278 8.90 -13.49 21.06
N ALA B 279 9.42 -12.28 21.36
CA ALA B 279 10.61 -11.68 20.70
C ALA B 279 11.77 -12.68 20.71
N LEU B 280 12.47 -12.81 19.57
CA LEU B 280 13.59 -13.76 19.35
C LEU B 280 14.84 -13.08 19.90
N PRO B 281 15.98 -13.79 20.00
CA PRO B 281 17.25 -13.16 20.41
C PRO B 281 17.62 -12.04 19.44
N PRO B 282 18.17 -10.91 19.93
CA PRO B 282 18.55 -9.81 19.02
C PRO B 282 19.62 -10.25 18.00
N LEU B 283 19.54 -9.69 16.79
CA LEU B 283 20.45 -10.00 15.65
C LEU B 283 21.58 -8.99 15.66
N PRO B 284 22.62 -9.18 14.82
CA PRO B 284 23.73 -8.22 14.76
C PRO B 284 23.22 -6.91 14.16
N ARG B 285 23.74 -5.76 14.60
CA ARG B 285 23.46 -4.44 13.99
C ARG B 285 24.75 -3.71 13.63
N PRO B 286 24.73 -2.86 12.58
CA PRO B 286 25.89 -2.01 12.25
C PRO B 286 26.54 -1.32 13.45
N PRO B 287 27.86 -1.06 13.44
CA PRO B 287 28.46 -0.19 14.44
C PRO B 287 27.86 1.22 14.38
N THR B 288 27.97 1.95 15.49
CA THR B 288 27.43 3.33 15.72
C THR B 288 28.39 4.37 15.16
N PRO B 289 27.87 5.42 14.48
CA PRO B 289 28.68 6.59 14.14
C PRO B 289 29.27 7.31 15.36
N LYS B 290 30.38 7.98 15.15
CA LYS B 290 30.93 8.95 16.13
C LYS B 290 30.09 10.20 16.03
N LEU B 291 29.43 10.59 17.11
CA LEU B 291 28.44 11.68 17.06
C LEU B 291 29.02 12.90 17.76
N GLU B 292 29.42 13.90 16.96
CA GLU B 292 30.02 15.18 17.41
C GLU B 292 31.37 14.85 18.10
#